data_3OQS
#
_entry.id   3OQS
#
_cell.length_a   78.594
_cell.length_b   89.558
_cell.length_c   100.083
_cell.angle_alpha   90.000
_cell.angle_beta   90.000
_cell.angle_gamma   90.000
#
_symmetry.space_group_name_H-M   'P 21 21 21'
#
loop_
_entity.id
_entity.type
_entity.pdbx_description
1 polymer 'peptide of Chloride intracellular channel protein 4'
2 polymer 'Importin subunit alpha-2'
3 water water
#
loop_
_entity_poly.entity_id
_entity_poly.type
_entity_poly.pdbx_seq_one_letter_code
_entity_poly.pdbx_strand_id
1 'polypeptide(L)' VKVVAKKYRN B
2 'polypeptide(L)'
;MHHHHHHSSGLVPRGSGMKETAAAKFERQHMDSPDLGTDDDDKAMADIGSNQGTVNWSVEDIVKGINSNNLESQLQATQA
ARKLLSREKQPPIDNIIRAGLIPKFVSFLGKTDCSPIQFESAWALTNIASGTSEQTKAVVDGGAIPAFISLLASPHAHIS
EQAVWALGNIAGDGSAFRDLVIKHGAIDPLLALLAVPDLSTLACGYLRNLTWTLSNLCRNKNPAPPLDAVEQILPTLVRL
LHHNDPEVLADSCWAISYLTDGPNERIEMVVKKGVVPQLVKLLGATELPIVTPALRAIGNIVTGTDEQTQKVIDAGALAV
FPSLLTNPKTNIQKEATWTMSNITAGRQDQIQQVVNHGLVPFLVGVLSKADFKTQKEAAWAITNYTSGGTVEQIVYLVHC
GIIEPLMNLLSAKDTKIIQVILDAISNIFQAAEKLGETEKLSIMIEECGGLDKIEALQRHENESVYKASLNLIEKYFSVE
EEEDQNVVPETTSEGFAFQVQDGAPGTFNF
;
A
#
# COMPACT_ATOMS: atom_id res chain seq x y z
N VAL A 4 4.14 -8.55 2.70
CA VAL A 4 3.55 -9.90 2.96
C VAL A 4 2.42 -9.73 3.96
N ALA A 5 1.28 -10.36 3.70
CA ALA A 5 0.22 -10.35 4.71
C ALA A 5 0.39 -11.39 5.84
N LYS A 6 1.25 -12.39 5.67
CA LYS A 6 1.38 -13.40 6.70
C LYS A 6 2.88 -13.53 6.99
N LYS A 7 3.21 -13.99 8.19
CA LYS A 7 4.59 -14.04 8.70
C LYS A 7 4.72 -15.30 9.50
N TYR A 8 5.73 -16.05 9.15
CA TYR A 8 6.03 -17.31 9.75
C TYR A 8 7.05 -16.97 10.85
N ARG A 9 6.93 -17.57 12.03
CA ARG A 9 7.96 -17.36 13.07
C ARG A 9 9.06 -18.44 13.02
N ASN A 10 10.27 -18.05 12.61
CA ASN A 10 11.43 -18.97 12.68
C ASN A 10 11.99 -19.15 14.08
N GLY B 53 16.29 -33.19 22.52
CA GLY B 53 15.03 -33.67 23.15
C GLY B 53 13.85 -33.61 22.19
N THR B 54 13.52 -32.42 21.71
CA THR B 54 12.33 -32.24 20.85
C THR B 54 12.71 -31.86 19.41
N VAL B 55 13.97 -32.07 19.03
CA VAL B 55 14.43 -31.76 17.68
C VAL B 55 14.26 -32.95 16.73
N ASN B 56 13.60 -32.70 15.60
CA ASN B 56 13.53 -33.68 14.53
C ASN B 56 12.64 -34.88 14.83
N TRP B 57 11.52 -34.70 15.51
CA TRP B 57 10.62 -35.80 15.72
C TRP B 57 9.87 -36.10 14.43
N SER B 58 9.37 -37.32 14.28
CA SER B 58 8.42 -37.55 13.20
C SER B 58 7.01 -37.11 13.63
N VAL B 59 6.12 -36.95 12.66
CA VAL B 59 4.77 -36.58 12.94
C VAL B 59 4.10 -37.63 13.79
N GLU B 60 4.37 -38.88 13.49
CA GLU B 60 3.79 -40.01 14.18
C GLU B 60 4.18 -39.99 15.69
N ASP B 61 5.44 -39.70 15.98
CA ASP B 61 5.86 -39.50 17.39
C ASP B 61 5.16 -38.30 18.06
N ILE B 62 5.01 -37.19 17.34
CA ILE B 62 4.32 -36.03 17.87
C ILE B 62 2.89 -36.45 18.20
N VAL B 63 2.27 -37.23 17.30
CA VAL B 63 0.88 -37.64 17.49
C VAL B 63 0.76 -38.51 18.73
N LYS B 64 1.71 -39.43 18.84
CA LYS B 64 1.76 -40.29 19.99
C LYS B 64 1.87 -39.50 21.31
N GLY B 65 2.75 -38.52 21.38
CA GLY B 65 2.86 -37.73 22.60
C GLY B 65 1.63 -36.91 22.93
N ILE B 66 1.03 -36.30 21.91
CA ILE B 66 -0.14 -35.45 22.08
C ILE B 66 -1.35 -36.24 22.52
N ASN B 67 -1.48 -37.47 22.02
CA ASN B 67 -2.55 -38.38 22.44
C ASN B 67 -2.31 -39.10 23.74
N SER B 68 -1.14 -38.91 24.38
CA SER B 68 -0.84 -39.69 25.59
C SER B 68 -1.73 -39.08 26.64
N ASN B 69 -1.89 -39.70 27.77
CA ASN B 69 -2.75 -38.98 28.74
C ASN B 69 -1.93 -38.01 29.67
N ASN B 70 -0.82 -37.42 29.19
CA ASN B 70 0.19 -36.93 30.15
C ASN B 70 0.52 -35.52 29.71
N LEU B 71 0.14 -34.53 30.51
CA LEU B 71 0.31 -33.14 30.05
C LEU B 71 1.76 -32.81 29.68
N GLU B 72 2.72 -33.26 30.48
CA GLU B 72 4.16 -33.09 30.16
C GLU B 72 4.54 -33.78 28.84
N SER B 73 4.08 -35.01 28.61
CA SER B 73 4.32 -35.66 27.32
C SER B 73 3.68 -34.88 26.20
N GLN B 74 2.45 -34.39 26.43
CA GLN B 74 1.82 -33.53 25.41
C GLN B 74 2.62 -32.24 25.16
N LEU B 75 3.16 -31.65 26.23
CA LEU B 75 3.97 -30.43 26.11
C LEU B 75 5.27 -30.67 25.28
N GLN B 76 6.01 -31.73 25.63
CA GLN B 76 7.21 -32.06 24.83
C GLN B 76 6.87 -32.30 23.34
N ALA B 77 5.84 -33.09 23.11
CA ALA B 77 5.39 -33.35 21.72
C ALA B 77 4.94 -32.09 21.00
N THR B 78 4.25 -31.19 21.71
CA THR B 78 3.83 -29.93 21.07
C THR B 78 5.04 -29.07 20.68
N GLN B 79 6.02 -29.01 21.59
CA GLN B 79 7.20 -28.25 21.31
C GLN B 79 7.94 -28.86 20.14
N ALA B 80 8.04 -30.18 20.07
CA ALA B 80 8.59 -30.86 18.89
C ALA B 80 7.85 -30.45 17.59
N ALA B 81 6.51 -30.40 17.66
CA ALA B 81 5.71 -29.90 16.55
C ALA B 81 6.09 -28.46 16.22
N ARG B 82 6.17 -27.59 17.24
CA ARG B 82 6.55 -26.22 17.01
C ARG B 82 7.91 -26.18 16.29
N LYS B 83 8.83 -27.06 16.67
CA LYS B 83 10.14 -27.12 15.99
C LYS B 83 10.10 -27.55 14.50
N LEU B 84 9.38 -28.62 14.18
CA LEU B 84 9.14 -29.02 12.78
C LEU B 84 8.56 -27.86 12.00
N LEU B 85 7.59 -27.17 12.62
CA LEU B 85 6.80 -26.17 11.93
C LEU B 85 7.51 -24.84 11.89
N SER B 86 8.71 -24.78 12.48
CA SER B 86 9.41 -23.51 12.34
C SER B 86 10.74 -23.63 11.64
N ARG B 87 11.00 -24.78 11.04
CA ARG B 87 12.28 -24.95 10.36
C ARG B 87 12.34 -24.14 9.06
N GLU B 88 13.57 -23.91 8.60
CA GLU B 88 13.85 -22.98 7.52
C GLU B 88 13.17 -23.44 6.23
N LYS B 89 13.19 -24.73 5.91
CA LYS B 89 12.58 -25.14 4.64
C LYS B 89 11.57 -26.27 4.71
N GLN B 90 10.49 -26.10 3.94
CA GLN B 90 9.44 -27.10 3.81
C GLN B 90 8.87 -27.61 5.12
N PRO B 91 8.50 -26.69 6.02
CA PRO B 91 7.81 -27.22 7.22
C PRO B 91 6.63 -28.07 6.80
N PRO B 92 6.41 -29.22 7.46
CA PRO B 92 5.40 -30.19 7.11
C PRO B 92 3.99 -29.81 7.63
N ILE B 93 3.55 -28.63 7.21
CA ILE B 93 2.26 -28.11 7.63
C ILE B 93 1.10 -29.03 7.30
N ASP B 94 1.02 -29.52 6.06
CA ASP B 94 -0.11 -30.37 5.65
C ASP B 94 -0.11 -31.70 6.36
N ASN B 95 1.09 -32.21 6.60
CA ASN B 95 1.18 -33.49 7.33
C ASN B 95 0.65 -33.36 8.77
N ILE B 96 0.95 -32.22 9.38
CA ILE B 96 0.42 -31.90 10.72
C ILE B 96 -1.10 -31.70 10.73
N ILE B 97 -1.59 -31.02 9.69
CA ILE B 97 -3.04 -30.86 9.52
C ILE B 97 -3.68 -32.24 9.33
N ARG B 98 -3.16 -33.03 8.41
CA ARG B 98 -3.75 -34.32 8.14
C ARG B 98 -3.73 -35.24 9.35
N ALA B 99 -2.71 -35.10 10.22
CA ALA B 99 -2.69 -35.97 11.42
C ALA B 99 -3.74 -35.50 12.44
N GLY B 100 -4.49 -34.46 12.12
CA GLY B 100 -5.59 -34.08 13.01
C GLY B 100 -5.08 -33.26 14.19
N LEU B 101 -3.92 -32.61 14.11
CA LEU B 101 -3.37 -31.98 15.31
C LEU B 101 -3.98 -30.63 15.69
N ILE B 102 -4.57 -29.93 14.72
CA ILE B 102 -5.03 -28.58 14.99
C ILE B 102 -5.99 -28.47 16.15
N PRO B 103 -7.02 -29.34 16.22
CA PRO B 103 -7.96 -29.32 17.37
C PRO B 103 -7.28 -29.54 18.73
N LYS B 104 -6.25 -30.38 18.77
CA LYS B 104 -5.50 -30.54 20.03
C LYS B 104 -4.72 -29.28 20.34
N PHE B 105 -4.02 -28.66 19.35
CA PHE B 105 -3.35 -27.38 19.63
C PHE B 105 -4.29 -26.35 20.15
N VAL B 106 -5.46 -26.27 19.51
CA VAL B 106 -6.40 -25.27 19.95
C VAL B 106 -6.82 -25.49 21.41
N SER B 107 -7.09 -26.75 21.80
CA SER B 107 -7.56 -26.90 23.17
C SER B 107 -6.39 -26.64 24.14
N PHE B 108 -5.16 -26.83 23.69
CA PHE B 108 -4.00 -26.51 24.56
C PHE B 108 -3.83 -25.00 24.78
N LEU B 109 -4.33 -24.18 23.84
CA LEU B 109 -4.34 -22.71 24.03
C LEU B 109 -5.10 -22.38 25.31
N GLY B 110 -6.07 -23.20 25.65
CA GLY B 110 -6.94 -22.93 26.82
C GLY B 110 -6.32 -23.40 28.13
N LYS B 111 -5.18 -24.09 28.11
CA LYS B 111 -4.53 -24.56 29.36
C LYS B 111 -3.84 -23.51 30.22
N THR B 112 -4.66 -22.70 30.86
CA THR B 112 -4.15 -21.60 31.71
C THR B 112 -3.13 -22.11 32.73
N ASP B 113 -3.34 -23.33 33.20
CA ASP B 113 -2.50 -23.97 34.22
C ASP B 113 -1.13 -24.38 33.65
N CYS B 114 -1.00 -24.43 32.33
CA CYS B 114 0.27 -24.86 31.74
C CYS B 114 0.71 -23.86 30.64
N SER B 115 1.24 -22.72 31.05
CA SER B 115 1.53 -21.68 30.08
C SER B 115 2.54 -22.10 28.99
N PRO B 116 3.52 -22.95 29.33
CA PRO B 116 4.41 -23.40 28.27
C PRO B 116 3.67 -24.12 27.09
N ILE B 117 2.65 -24.91 27.37
CA ILE B 117 1.95 -25.54 26.27
C ILE B 117 1.08 -24.55 25.51
N GLN B 118 0.63 -23.50 26.18
CA GLN B 118 -0.14 -22.47 25.48
C GLN B 118 0.78 -21.82 24.46
N PHE B 119 2.01 -21.55 24.88
CA PHE B 119 3.00 -20.86 24.03
C PHE B 119 3.36 -21.74 22.80
N GLU B 120 3.75 -22.99 23.07
CA GLU B 120 4.14 -23.94 22.01
C GLU B 120 2.98 -24.14 20.99
N SER B 121 1.78 -24.33 21.49
CA SER B 121 0.68 -24.56 20.62
C SER B 121 0.33 -23.28 19.86
N ALA B 122 0.50 -22.11 20.48
CA ALA B 122 0.19 -20.84 19.83
C ALA B 122 1.20 -20.62 18.67
N TRP B 123 2.44 -20.93 18.95
CA TRP B 123 3.51 -20.73 17.97
C TRP B 123 3.32 -21.74 16.80
N ALA B 124 3.02 -22.99 17.13
CA ALA B 124 2.70 -24.00 16.08
C ALA B 124 1.54 -23.56 15.18
N LEU B 125 0.47 -23.08 15.79
CA LEU B 125 -0.65 -22.66 15.01
C LEU B 125 -0.37 -21.38 14.24
N THR B 126 0.41 -20.46 14.81
CA THR B 126 0.79 -19.26 14.08
C THR B 126 1.42 -19.67 12.75
N ASN B 127 2.32 -20.64 12.80
CA ASN B 127 3.05 -21.01 11.58
C ASN B 127 2.19 -21.75 10.59
N ILE B 128 1.30 -22.59 11.08
CA ILE B 128 0.30 -23.15 10.19
C ILE B 128 -0.49 -22.03 9.54
N ALA B 129 -0.96 -21.09 10.36
CA ALA B 129 -1.79 -19.99 9.87
C ALA B 129 -1.05 -19.03 8.92
N SER B 130 0.29 -19.07 8.96
CA SER B 130 1.13 -18.28 8.09
C SER B 130 1.18 -18.85 6.65
N GLY B 131 0.59 -20.00 6.36
CA GLY B 131 0.79 -20.63 5.03
C GLY B 131 -0.31 -20.26 4.02
N THR B 132 -0.79 -21.23 3.27
CA THR B 132 -1.78 -20.89 2.25
C THR B 132 -3.14 -20.53 2.90
N SER B 133 -4.08 -20.06 2.10
CA SER B 133 -5.44 -19.87 2.63
C SER B 133 -6.07 -21.13 3.20
N GLU B 134 -5.93 -22.27 2.50
CA GLU B 134 -6.48 -23.51 3.03
C GLU B 134 -5.86 -23.85 4.40
N GLN B 135 -4.60 -23.54 4.60
CA GLN B 135 -3.93 -23.79 5.87
C GLN B 135 -4.43 -22.84 6.97
N THR B 136 -4.52 -21.54 6.67
CA THR B 136 -5.11 -20.60 7.60
C THR B 136 -6.56 -21.02 7.92
N LYS B 137 -7.28 -21.44 6.88
CA LYS B 137 -8.65 -21.88 7.10
C LYS B 137 -8.71 -23.05 8.08
N ALA B 138 -7.80 -24.02 7.97
CA ALA B 138 -7.85 -25.15 8.91
C ALA B 138 -7.66 -24.66 10.38
N VAL B 139 -6.83 -23.64 10.58
CA VAL B 139 -6.64 -23.07 11.91
C VAL B 139 -7.94 -22.44 12.44
N VAL B 140 -8.54 -21.61 11.61
CA VAL B 140 -9.81 -20.99 11.92
C VAL B 140 -10.89 -22.07 12.18
N ASP B 141 -10.97 -23.07 11.29
CA ASP B 141 -11.99 -24.13 11.39
C ASP B 141 -11.86 -24.90 12.71
N GLY B 142 -10.65 -24.90 13.28
CA GLY B 142 -10.43 -25.57 14.55
C GLY B 142 -10.85 -24.74 15.75
N GLY B 143 -11.41 -23.56 15.52
CA GLY B 143 -11.84 -22.70 16.62
C GLY B 143 -10.75 -21.78 17.18
N ALA B 144 -9.67 -21.59 16.42
CA ALA B 144 -8.55 -20.83 16.98
C ALA B 144 -8.86 -19.39 17.31
N ILE B 145 -9.83 -18.79 16.61
CA ILE B 145 -9.93 -17.33 16.70
C ILE B 145 -10.31 -16.89 18.15
N PRO B 146 -11.41 -17.40 18.72
CA PRO B 146 -11.79 -16.97 20.09
C PRO B 146 -10.70 -17.40 21.12
N ALA B 147 -10.07 -18.53 20.86
CA ALA B 147 -9.02 -19.03 21.78
C ALA B 147 -7.81 -18.08 21.75
N PHE B 148 -7.40 -17.62 20.57
CA PHE B 148 -6.32 -16.62 20.54
C PHE B 148 -6.72 -15.30 21.14
N ILE B 149 -7.94 -14.88 20.85
CA ILE B 149 -8.41 -13.64 21.46
C ILE B 149 -8.37 -13.72 22.97
N SER B 150 -8.77 -14.85 23.57
CA SER B 150 -8.60 -15.00 25.04
C SER B 150 -7.14 -14.95 25.49
N LEU B 151 -6.20 -15.41 24.67
CA LEU B 151 -4.78 -15.30 25.11
C LEU B 151 -4.24 -13.89 25.06
N LEU B 152 -4.93 -12.97 24.38
CA LEU B 152 -4.46 -11.58 24.37
C LEU B 152 -4.28 -11.04 25.82
N ALA B 153 -5.10 -11.53 26.73
CA ALA B 153 -5.13 -11.09 28.15
C ALA B 153 -4.07 -11.81 29.00
N SER B 154 -3.34 -12.76 28.45
CA SER B 154 -2.37 -13.53 29.23
C SER B 154 -1.39 -12.63 30.00
N PRO B 155 -1.10 -12.96 31.29
CA PRO B 155 -0.10 -12.16 32.03
C PRO B 155 1.28 -12.43 31.43
N HIS B 156 1.42 -13.40 30.51
CA HIS B 156 2.76 -13.72 29.98
C HIS B 156 2.94 -13.02 28.66
N ALA B 157 3.92 -12.14 28.60
CA ALA B 157 4.03 -11.27 27.42
C ALA B 157 4.33 -12.08 26.16
N HIS B 158 5.13 -13.14 26.31
CA HIS B 158 5.52 -13.88 25.12
C HIS B 158 4.33 -14.65 24.60
N ILE B 159 3.34 -14.89 25.42
CA ILE B 159 2.16 -15.61 24.98
C ILE B 159 1.13 -14.67 24.33
N SER B 160 0.81 -13.52 24.95
CA SER B 160 -0.14 -12.64 24.27
C SER B 160 0.47 -12.16 22.95
N GLU B 161 1.79 -11.95 22.92
CA GLU B 161 2.45 -11.59 21.68
C GLU B 161 2.26 -12.66 20.58
N GLN B 162 2.42 -13.93 20.95
CA GLN B 162 2.14 -15.02 20.00
C GLN B 162 0.68 -15.01 19.48
N ALA B 163 -0.28 -14.71 20.35
CA ALA B 163 -1.69 -14.61 19.99
C ALA B 163 -1.91 -13.43 19.06
N VAL B 164 -1.28 -12.30 19.35
CA VAL B 164 -1.31 -11.15 18.41
C VAL B 164 -0.85 -11.55 17.02
N TRP B 165 0.31 -12.23 16.99
CA TRP B 165 0.92 -12.66 15.73
C TRP B 165 -0.01 -13.60 14.94
N ALA B 166 -0.55 -14.60 15.63
CA ALA B 166 -1.50 -15.54 15.02
C ALA B 166 -2.72 -14.84 14.44
N LEU B 167 -3.29 -13.91 15.21
CA LEU B 167 -4.47 -13.17 14.76
C LEU B 167 -4.12 -12.32 13.52
N GLY B 168 -2.93 -11.74 13.53
CA GLY B 168 -2.47 -11.01 12.29
C GLY B 168 -2.38 -11.90 11.04
N ASN B 169 -1.93 -13.15 11.20
CA ASN B 169 -1.86 -14.09 10.03
C ASN B 169 -3.30 -14.42 9.58
N ILE B 170 -4.18 -14.71 10.54
CA ILE B 170 -5.59 -14.95 10.22
C ILE B 170 -6.27 -13.80 9.49
N ALA B 171 -6.24 -12.62 10.12
CA ALA B 171 -6.85 -11.44 9.53
C ALA B 171 -6.20 -11.14 8.18
N GLY B 172 -4.89 -11.40 8.09
CA GLY B 172 -4.11 -11.17 6.86
C GLY B 172 -4.52 -12.04 5.66
N ASP B 173 -5.28 -13.08 5.92
CA ASP B 173 -5.63 -13.91 4.82
C ASP B 173 -6.56 -13.19 3.82
N GLY B 174 -7.36 -12.27 4.30
CA GLY B 174 -8.30 -11.64 3.39
C GLY B 174 -9.44 -11.05 4.24
N SER B 175 -10.37 -10.42 3.55
CA SER B 175 -11.48 -9.65 4.09
CA SER B 175 -11.40 -9.63 4.19
C SER B 175 -12.42 -10.46 5.00
N ALA B 176 -12.79 -11.67 4.54
CA ALA B 176 -13.69 -12.48 5.32
C ALA B 176 -13.05 -12.91 6.67
N PHE B 177 -11.82 -13.41 6.67
CA PHE B 177 -11.20 -13.74 7.93
C PHE B 177 -10.93 -12.49 8.79
N ARG B 178 -10.60 -11.37 8.13
CA ARG B 178 -10.31 -10.15 8.86
C ARG B 178 -11.61 -9.80 9.59
N ASP B 179 -12.72 -9.77 8.86
CA ASP B 179 -13.95 -9.33 9.49
C ASP B 179 -14.42 -10.32 10.55
N LEU B 180 -14.10 -11.60 10.41
CA LEU B 180 -14.47 -12.63 11.41
C LEU B 180 -13.65 -12.44 12.69
N VAL B 181 -12.39 -12.13 12.52
CA VAL B 181 -11.57 -11.78 13.71
C VAL B 181 -12.20 -10.57 14.43
N ILE B 182 -12.65 -9.61 13.64
CA ILE B 182 -13.20 -8.41 14.25
C ILE B 182 -14.52 -8.75 14.98
N LYS B 183 -15.36 -9.59 14.36
CA LYS B 183 -16.63 -10.01 15.00
C LYS B 183 -16.40 -10.78 16.28
N HIS B 184 -15.32 -11.54 16.34
CA HIS B 184 -15.00 -12.26 17.56
C HIS B 184 -14.47 -11.30 18.68
N GLY B 185 -14.38 -10.02 18.39
CA GLY B 185 -14.06 -9.02 19.41
C GLY B 185 -12.55 -8.80 19.57
N ALA B 186 -11.75 -8.99 18.50
CA ALA B 186 -10.30 -8.87 18.69
C ALA B 186 -9.84 -7.44 18.99
N ILE B 187 -10.55 -6.45 18.51
CA ILE B 187 -9.98 -5.13 18.45
C ILE B 187 -9.81 -4.50 19.88
N ASP B 188 -10.84 -4.58 20.73
CA ASP B 188 -10.74 -4.02 22.09
C ASP B 188 -9.47 -4.54 22.84
N PRO B 189 -9.32 -5.87 22.99
CA PRO B 189 -8.09 -6.33 23.72
C PRO B 189 -6.76 -6.09 22.96
N LEU B 190 -6.77 -6.06 21.63
CA LEU B 190 -5.59 -5.61 20.92
C LEU B 190 -5.22 -4.18 21.33
N LEU B 191 -6.20 -3.28 21.29
CA LEU B 191 -5.96 -1.89 21.60
C LEU B 191 -5.60 -1.67 23.07
N ALA B 192 -6.18 -2.46 23.98
CA ALA B 192 -5.80 -2.35 25.41
C ALA B 192 -4.28 -2.65 25.62
N LEU B 193 -3.66 -3.52 24.79
CA LEU B 193 -2.22 -3.78 24.92
C LEU B 193 -1.38 -2.54 24.63
N LEU B 194 -1.94 -1.59 23.89
CA LEU B 194 -1.21 -0.38 23.47
C LEU B 194 -1.67 0.78 24.32
N ALA B 195 -2.54 0.56 25.30
CA ALA B 195 -2.99 1.67 26.14
C ALA B 195 -1.99 1.98 27.27
N VAL B 196 -0.86 2.59 26.93
CA VAL B 196 0.13 2.95 27.92
C VAL B 196 0.51 4.41 27.72
N PRO B 197 1.05 5.07 28.78
CA PRO B 197 1.38 6.47 28.61
C PRO B 197 2.39 6.70 27.52
N ASP B 198 3.31 5.75 27.34
CA ASP B 198 4.43 5.96 26.41
C ASP B 198 4.81 4.67 25.73
N LEU B 199 4.62 4.63 24.42
CA LEU B 199 4.84 3.41 23.65
C LEU B 199 6.30 2.87 23.83
N SER B 200 7.21 3.76 24.23
CA SER B 200 8.61 3.43 24.30
C SER B 200 8.91 2.41 25.37
N THR B 201 7.96 2.18 26.29
CA THR B 201 8.21 1.26 27.35
C THR B 201 7.83 -0.15 26.95
N LEU B 202 7.18 -0.33 25.80
CA LEU B 202 6.82 -1.67 25.34
C LEU B 202 8.07 -2.27 24.73
N ALA B 203 8.24 -3.57 24.84
CA ALA B 203 9.30 -4.23 24.10
C ALA B 203 9.13 -3.93 22.62
N CYS B 204 10.24 -3.71 21.96
CA CYS B 204 10.24 -3.39 20.58
C CYS B 204 9.58 -4.43 19.62
N GLY B 205 9.96 -5.71 19.75
CA GLY B 205 9.39 -6.76 18.91
C GLY B 205 7.87 -6.85 19.12
N TYR B 206 7.46 -6.70 20.38
CA TYR B 206 6.03 -6.82 20.80
C TYR B 206 5.17 -5.69 20.13
N LEU B 207 5.64 -4.45 20.20
CA LEU B 207 4.97 -3.32 19.52
C LEU B 207 4.94 -3.45 18.03
N ARG B 208 6.06 -3.90 17.45
CA ARG B 208 6.08 -4.16 16.03
C ARG B 208 5.03 -5.19 15.59
N ASN B 209 4.87 -6.26 16.38
CA ASN B 209 3.87 -7.27 16.08
C ASN B 209 2.46 -6.71 16.19
N LEU B 210 2.18 -5.94 17.25
CA LEU B 210 0.86 -5.30 17.40
C LEU B 210 0.55 -4.40 16.24
N THR B 211 1.57 -3.57 15.87
CA THR B 211 1.34 -2.63 14.76
C THR B 211 0.98 -3.40 13.49
N TRP B 212 1.76 -4.44 13.20
CA TRP B 212 1.58 -5.20 11.98
C TRP B 212 0.21 -5.90 12.01
N THR B 213 -0.16 -6.49 13.15
CA THR B 213 -1.53 -7.05 13.24
C THR B 213 -2.63 -6.00 13.02
N LEU B 214 -2.51 -4.84 13.66
CA LEU B 214 -3.54 -3.80 13.42
C LEU B 214 -3.56 -3.43 11.94
N SER B 215 -2.40 -3.43 11.26
CA SER B 215 -2.44 -3.01 9.86
C SER B 215 -3.18 -4.08 9.02
N ASN B 216 -3.03 -5.36 9.36
CA ASN B 216 -3.82 -6.39 8.68
C ASN B 216 -5.32 -6.24 8.95
N LEU B 217 -5.68 -5.70 10.11
CA LEU B 217 -7.11 -5.41 10.31
C LEU B 217 -7.61 -4.26 9.50
N CYS B 218 -6.70 -3.44 8.99
CA CYS B 218 -7.05 -2.32 8.12
C CYS B 218 -7.00 -2.66 6.62
N ARG B 219 -6.39 -3.80 6.31
CA ARG B 219 -6.06 -4.15 4.95
C ARG B 219 -7.24 -4.84 4.22
N ASN B 220 -7.25 -4.72 2.89
CA ASN B 220 -8.14 -5.42 1.96
C ASN B 220 -9.41 -4.71 1.74
N LYS B 221 -10.07 -5.13 0.65
CA LYS B 221 -11.24 -4.43 0.14
C LYS B 221 -12.26 -5.38 -0.37
N ASN B 222 -13.33 -4.87 -0.87
CA ASN B 222 -14.33 -5.81 -1.32
C ASN B 222 -14.60 -6.89 -0.27
N PRO B 223 -15.05 -6.49 0.91
CA PRO B 223 -15.32 -5.08 1.19
C PRO B 223 -14.14 -4.48 2.00
N ALA B 224 -14.16 -3.18 2.18
CA ALA B 224 -13.18 -2.56 3.08
C ALA B 224 -13.63 -2.94 4.54
N PRO B 225 -12.77 -2.71 5.55
CA PRO B 225 -13.11 -3.06 6.95
C PRO B 225 -14.33 -2.25 7.41
N PRO B 226 -15.10 -2.75 8.40
CA PRO B 226 -16.31 -2.09 8.89
C PRO B 226 -15.96 -0.69 9.34
N LEU B 227 -16.80 0.28 8.99
CA LEU B 227 -16.49 1.67 9.31
C LEU B 227 -16.19 1.84 10.81
N ASP B 228 -17.00 1.18 11.68
CA ASP B 228 -16.82 1.33 13.13
C ASP B 228 -15.51 0.76 13.62
N ALA B 229 -15.03 -0.35 13.05
CA ALA B 229 -13.74 -0.88 13.45
C ALA B 229 -12.61 0.13 13.05
N VAL B 230 -12.75 0.72 11.86
CA VAL B 230 -11.79 1.66 11.39
C VAL B 230 -11.79 2.88 12.35
N GLU B 231 -12.97 3.36 12.74
CA GLU B 231 -12.99 4.47 13.70
C GLU B 231 -12.34 4.08 15.05
N GLN B 232 -12.49 2.84 15.45
CA GLN B 232 -12.00 2.37 16.74
C GLN B 232 -10.47 2.30 16.71
N ILE B 233 -9.93 1.78 15.62
CA ILE B 233 -8.53 1.63 15.44
C ILE B 233 -7.75 2.93 15.20
N LEU B 234 -8.37 3.90 14.55
CA LEU B 234 -7.62 5.03 14.03
C LEU B 234 -6.80 5.90 15.07
N PRO B 235 -7.41 6.25 16.23
CA PRO B 235 -6.64 7.04 17.19
C PRO B 235 -5.34 6.31 17.61
N THR B 236 -5.33 4.99 17.62
CA THR B 236 -4.15 4.25 18.11
C THR B 236 -3.14 4.24 16.98
N LEU B 237 -3.63 4.06 15.77
CA LEU B 237 -2.76 4.18 14.64
C LEU B 237 -2.09 5.57 14.54
N VAL B 238 -2.86 6.62 14.77
CA VAL B 238 -2.28 7.96 14.69
C VAL B 238 -1.13 8.06 15.73
N ARG B 239 -1.31 7.47 16.89
CA ARG B 239 -0.27 7.44 17.90
CA ARG B 239 -0.27 7.46 17.92
C ARG B 239 0.96 6.65 17.43
N LEU B 240 0.75 5.52 16.75
CA LEU B 240 1.83 4.66 16.25
C LEU B 240 2.61 5.38 15.14
N LEU B 241 1.88 6.20 14.39
CA LEU B 241 2.50 6.94 13.32
C LEU B 241 3.46 8.04 13.82
N HIS B 242 3.38 8.39 15.09
CA HIS B 242 4.36 9.33 15.68
C HIS B 242 5.44 8.63 16.53
N HIS B 243 5.48 7.31 16.49
CA HIS B 243 6.46 6.53 17.28
C HIS B 243 7.86 6.56 16.58
N ASN B 244 8.95 6.25 17.24
CA ASN B 244 10.21 6.48 16.55
C ASN B 244 10.82 5.21 15.86
N ASP B 245 10.18 4.08 16.01
CA ASP B 245 10.78 2.88 15.44
C ASP B 245 10.44 2.75 13.96
N PRO B 246 11.44 2.47 13.11
CA PRO B 246 11.18 2.48 11.68
C PRO B 246 10.21 1.38 11.17
N GLU B 247 10.20 0.22 11.81
CA GLU B 247 9.26 -0.79 11.35
C GLU B 247 7.87 -0.45 11.80
N VAL B 248 7.72 0.11 12.99
CA VAL B 248 6.39 0.56 13.46
C VAL B 248 5.86 1.64 12.50
N LEU B 249 6.75 2.57 12.13
CA LEU B 249 6.35 3.62 11.19
C LEU B 249 5.96 3.08 9.84
N ALA B 250 6.77 2.18 9.29
CA ALA B 250 6.44 1.61 8.00
C ALA B 250 5.07 0.93 8.07
N ASP B 251 4.84 0.10 9.10
CA ASP B 251 3.54 -0.61 9.09
C ASP B 251 2.36 0.29 9.40
N SER B 252 2.59 1.33 10.19
CA SER B 252 1.51 2.34 10.44
C SER B 252 1.18 3.04 9.15
N CYS B 253 2.21 3.40 8.36
CA CYS B 253 1.94 3.98 7.05
C CYS B 253 1.21 3.04 6.10
N TRP B 254 1.54 1.74 6.13
CA TRP B 254 0.84 0.79 5.29
C TRP B 254 -0.62 0.79 5.75
N ALA B 255 -0.84 0.77 7.06
CA ALA B 255 -2.27 0.70 7.49
C ALA B 255 -3.01 1.93 6.98
N ILE B 256 -2.38 3.11 7.09
CA ILE B 256 -2.99 4.35 6.61
C ILE B 256 -3.21 4.28 5.10
N SER B 257 -2.27 3.71 4.35
CA SER B 257 -2.47 3.54 2.91
C SER B 257 -3.66 2.64 2.57
N TYR B 258 -3.85 1.57 3.32
CA TYR B 258 -5.05 0.74 3.06
C TYR B 258 -6.30 1.56 3.35
N LEU B 259 -6.29 2.35 4.43
CA LEU B 259 -7.54 3.00 4.86
C LEU B 259 -7.87 4.11 3.88
N THR B 260 -6.88 4.60 3.12
CA THR B 260 -7.19 5.72 2.21
C THR B 260 -7.39 5.19 0.79
N ASP B 261 -7.25 3.88 0.59
CA ASP B 261 -7.49 3.25 -0.69
C ASP B 261 -8.99 2.96 -0.80
N GLY B 262 -9.80 3.93 -1.22
CA GLY B 262 -11.26 3.74 -1.22
C GLY B 262 -11.93 5.05 -1.61
N PRO B 263 -13.26 5.11 -1.48
CA PRO B 263 -13.99 6.34 -1.82
C PRO B 263 -13.63 7.51 -0.89
N ASN B 264 -14.06 8.71 -1.27
CA ASN B 264 -13.79 9.93 -0.53
C ASN B 264 -14.12 9.89 0.96
N GLU B 265 -15.17 9.16 1.34
CA GLU B 265 -15.55 9.04 2.74
C GLU B 265 -14.50 8.34 3.59
N ARG B 266 -13.86 7.33 3.02
CA ARG B 266 -12.84 6.60 3.70
C ARG B 266 -11.61 7.47 3.85
N ILE B 267 -11.26 8.16 2.76
CA ILE B 267 -10.14 9.10 2.81
C ILE B 267 -10.41 10.16 3.90
N GLU B 268 -11.60 10.71 3.90
CA GLU B 268 -11.97 11.77 4.84
C GLU B 268 -11.78 11.36 6.29
N MET B 269 -12.15 10.12 6.60
CA MET B 269 -12.04 9.72 7.98
C MET B 269 -10.60 9.67 8.45
N VAL B 270 -9.66 9.46 7.53
CA VAL B 270 -8.26 9.52 7.87
C VAL B 270 -7.78 10.98 7.94
N VAL B 271 -8.08 11.76 6.90
CA VAL B 271 -7.67 13.15 6.83
C VAL B 271 -8.21 13.99 8.01
N LYS B 272 -9.44 13.69 8.45
CA LYS B 272 -10.03 14.40 9.60
C LYS B 272 -9.20 14.14 10.86
N LYS B 273 -8.50 13.01 10.92
CA LYS B 273 -7.63 12.77 12.07
C LYS B 273 -6.36 13.65 12.12
N GLY B 274 -6.15 14.49 11.11
CA GLY B 274 -4.98 15.36 11.11
C GLY B 274 -3.65 14.68 10.80
N VAL B 275 -3.65 13.50 10.17
CA VAL B 275 -2.40 12.78 9.97
C VAL B 275 -1.58 13.29 8.78
N VAL B 276 -2.18 14.09 7.91
CA VAL B 276 -1.50 14.43 6.65
C VAL B 276 -0.09 15.05 6.86
N PRO B 277 0.04 16.01 7.79
CA PRO B 277 1.41 16.56 8.00
C PRO B 277 2.42 15.51 8.47
N GLN B 278 2.02 14.60 9.35
CA GLN B 278 2.92 13.50 9.71
C GLN B 278 3.25 12.60 8.50
N LEU B 279 2.25 12.28 7.68
CA LEU B 279 2.55 11.50 6.47
C LEU B 279 3.60 12.22 5.54
N VAL B 280 3.48 13.53 5.42
CA VAL B 280 4.36 14.30 4.52
C VAL B 280 5.74 14.31 5.10
N LYS B 281 5.79 14.36 6.43
CA LYS B 281 7.07 14.25 7.07
C LYS B 281 7.75 12.86 6.84
N LEU B 282 6.96 11.78 6.89
CA LEU B 282 7.52 10.43 6.70
C LEU B 282 7.89 10.32 5.22
N LEU B 283 7.21 11.11 4.39
CA LEU B 283 7.49 11.10 2.96
C LEU B 283 8.95 11.49 2.71
N GLY B 284 9.48 12.30 3.65
CA GLY B 284 10.85 12.73 3.61
C GLY B 284 11.83 11.76 4.28
N ALA B 285 11.37 10.64 4.83
CA ALA B 285 12.28 9.78 5.59
C ALA B 285 13.42 9.20 4.73
N THR B 286 14.50 8.79 5.37
CA THR B 286 15.61 8.25 4.57
C THR B 286 15.37 6.76 4.30
N GLU B 287 14.54 6.11 5.12
CA GLU B 287 14.22 4.70 4.93
C GLU B 287 13.16 4.43 3.85
N LEU B 288 13.57 3.73 2.82
CA LEU B 288 12.68 3.39 1.76
C LEU B 288 11.42 2.63 2.25
N PRO B 289 11.53 1.78 3.29
CA PRO B 289 10.34 1.05 3.72
C PRO B 289 9.32 1.98 4.40
N ILE B 290 9.73 3.17 4.77
CA ILE B 290 8.79 4.15 5.28
C ILE B 290 8.28 5.02 4.13
N VAL B 291 9.19 5.50 3.26
CA VAL B 291 8.80 6.33 2.14
C VAL B 291 7.75 5.63 1.28
N THR B 292 7.92 4.34 1.01
CA THR B 292 7.01 3.71 0.03
C THR B 292 5.54 3.75 0.48
N PRO B 293 5.24 3.33 1.72
CA PRO B 293 3.84 3.41 2.15
C PRO B 293 3.38 4.85 2.45
N ALA B 294 4.29 5.72 2.93
CA ALA B 294 3.88 7.13 3.10
C ALA B 294 3.43 7.71 1.78
N LEU B 295 4.16 7.41 0.72
CA LEU B 295 3.81 8.00 -0.60
C LEU B 295 2.53 7.37 -1.19
N ARG B 296 2.34 6.08 -0.96
CA ARG B 296 1.13 5.39 -1.38
C ARG B 296 -0.03 6.07 -0.68
N ALA B 297 0.10 6.31 0.62
CA ALA B 297 -1.05 6.95 1.35
C ALA B 297 -1.30 8.34 0.79
N ILE B 298 -0.23 9.12 0.59
CA ILE B 298 -0.41 10.49 0.05
C ILE B 298 -1.04 10.43 -1.35
N GLY B 299 -0.56 9.52 -2.19
CA GLY B 299 -1.15 9.30 -3.49
C GLY B 299 -2.62 8.92 -3.40
N ASN B 300 -2.99 8.08 -2.43
CA ASN B 300 -4.41 7.68 -2.31
C ASN B 300 -5.24 8.87 -1.94
N ILE B 301 -4.72 9.67 -1.01
CA ILE B 301 -5.45 10.87 -0.57
C ILE B 301 -5.77 11.84 -1.73
N VAL B 302 -4.82 12.00 -2.68
CA VAL B 302 -5.04 12.98 -3.73
C VAL B 302 -5.94 12.41 -4.82
N THR B 303 -6.37 11.14 -4.74
CA THR B 303 -7.45 10.72 -5.65
C THR B 303 -8.82 11.18 -5.06
N GLY B 304 -8.83 11.77 -3.86
CA GLY B 304 -10.10 12.21 -3.24
C GLY B 304 -10.55 13.55 -3.80
N THR B 305 -11.18 14.38 -2.97
CA THR B 305 -11.69 15.63 -3.46
C THR B 305 -10.55 16.62 -3.52
N ASP B 306 -10.82 17.71 -4.22
CA ASP B 306 -9.86 18.82 -4.31
C ASP B 306 -9.54 19.40 -2.94
N GLU B 307 -10.49 19.36 -2.01
CA GLU B 307 -10.20 19.88 -0.68
C GLU B 307 -9.29 18.90 0.08
N GLN B 308 -9.51 17.61 -0.11
CA GLN B 308 -8.59 16.65 0.52
C GLN B 308 -7.22 16.79 -0.05
N THR B 309 -7.13 16.98 -1.37
CA THR B 309 -5.84 17.21 -2.01
C THR B 309 -5.14 18.46 -1.48
N GLN B 310 -5.91 19.52 -1.24
CA GLN B 310 -5.36 20.78 -0.71
C GLN B 310 -4.69 20.56 0.63
N LYS B 311 -5.19 19.64 1.46
CA LYS B 311 -4.52 19.34 2.75
C LYS B 311 -3.09 18.79 2.52
N VAL B 312 -2.94 17.98 1.48
CA VAL B 312 -1.62 17.47 1.15
C VAL B 312 -0.66 18.60 0.71
N ILE B 313 -1.13 19.51 -0.15
CA ILE B 313 -0.34 20.66 -0.56
C ILE B 313 -0.04 21.58 0.62
N ASP B 314 -1.06 21.88 1.43
CA ASP B 314 -0.89 22.77 2.60
C ASP B 314 0.16 22.24 3.55
N ALA B 315 0.26 20.91 3.65
CA ALA B 315 1.25 20.27 4.53
C ALA B 315 2.70 20.30 4.01
N GLY B 316 2.95 20.86 2.83
CA GLY B 316 4.34 20.93 2.32
C GLY B 316 4.76 19.79 1.38
N ALA B 317 3.81 18.97 0.90
CA ALA B 317 4.18 17.74 0.19
C ALA B 317 4.98 18.07 -1.06
N LEU B 318 4.61 19.15 -1.74
CA LEU B 318 5.19 19.35 -3.06
C LEU B 318 6.68 19.57 -2.96
N ALA B 319 7.17 20.08 -1.84
CA ALA B 319 8.58 20.39 -1.73
C ALA B 319 9.42 19.09 -1.75
N VAL B 320 8.82 17.92 -1.57
CA VAL B 320 9.57 16.66 -1.55
C VAL B 320 9.62 16.10 -2.96
N PHE B 321 8.73 16.55 -3.83
CA PHE B 321 8.70 15.94 -5.17
C PHE B 321 9.91 16.04 -6.06
N PRO B 322 10.71 17.12 -5.94
CA PRO B 322 11.94 17.04 -6.74
C PRO B 322 12.79 15.78 -6.45
N SER B 323 12.92 15.37 -5.20
CA SER B 323 13.66 14.13 -4.94
CA SER B 323 13.68 14.15 -4.96
C SER B 323 12.88 12.89 -5.31
N LEU B 324 11.59 12.88 -5.02
CA LEU B 324 10.78 11.71 -5.38
C LEU B 324 10.73 11.51 -6.89
N LEU B 325 10.60 12.58 -7.67
CA LEU B 325 10.51 12.38 -9.15
C LEU B 325 11.85 12.02 -9.78
N THR B 326 12.92 12.07 -8.97
CA THR B 326 14.23 11.62 -9.43
C THR B 326 14.75 10.45 -8.57
N ASN B 327 13.89 9.90 -7.72
CA ASN B 327 14.34 8.83 -6.83
C ASN B 327 14.95 7.65 -7.62
N PRO B 328 16.09 7.11 -7.18
CA PRO B 328 16.61 5.94 -7.89
C PRO B 328 15.72 4.65 -7.83
N LYS B 329 14.76 4.53 -6.90
CA LYS B 329 13.83 3.41 -6.93
CA LYS B 329 13.82 3.41 -6.92
C LYS B 329 12.70 3.69 -7.92
N THR B 330 12.65 2.91 -8.99
CA THR B 330 11.64 3.01 -10.03
C THR B 330 10.24 3.14 -9.51
N ASN B 331 9.87 2.25 -8.60
CA ASN B 331 8.53 2.32 -8.00
C ASN B 331 8.21 3.63 -7.29
N ILE B 332 9.20 4.26 -6.67
CA ILE B 332 8.99 5.59 -6.05
C ILE B 332 8.76 6.67 -7.14
N GLN B 333 9.57 6.67 -8.20
CA GLN B 333 9.30 7.61 -9.27
C GLN B 333 7.94 7.36 -9.85
N LYS B 334 7.56 6.08 -10.00
CA LYS B 334 6.27 5.80 -10.67
C LYS B 334 5.13 6.34 -9.79
N GLU B 335 5.14 6.00 -8.51
CA GLU B 335 4.05 6.43 -7.65
C GLU B 335 4.06 7.93 -7.34
N ALA B 336 5.26 8.55 -7.35
CA ALA B 336 5.36 10.04 -7.24
C ALA B 336 4.72 10.68 -8.47
N THR B 337 4.94 10.08 -9.64
CA THR B 337 4.39 10.66 -10.85
C THR B 337 2.86 10.46 -10.97
N TRP B 338 2.40 9.32 -10.47
CA TRP B 338 0.97 9.02 -10.33
C TRP B 338 0.33 10.04 -9.38
N THR B 339 0.95 10.24 -8.24
CA THR B 339 0.52 11.23 -7.29
C THR B 339 0.44 12.63 -8.00
N MET B 340 1.49 13.03 -8.73
CA MET B 340 1.46 14.32 -9.43
C MET B 340 0.28 14.41 -10.41
N SER B 341 -0.04 13.29 -11.07
CA SER B 341 -1.13 13.31 -12.06
C SER B 341 -2.47 13.58 -11.39
N ASN B 342 -2.62 13.15 -10.13
CA ASN B 342 -3.88 13.41 -9.43
C ASN B 342 -3.88 14.78 -8.78
N ILE B 343 -2.76 15.48 -8.78
CA ILE B 343 -2.74 16.86 -8.38
C ILE B 343 -2.94 17.78 -9.59
N THR B 344 -2.27 17.49 -10.71
CA THR B 344 -2.53 18.26 -11.92
C THR B 344 -3.97 18.05 -12.43
N ALA B 345 -4.69 17.08 -11.88
CA ALA B 345 -6.11 16.93 -12.22
C ALA B 345 -6.95 17.86 -11.37
N GLY B 346 -6.34 18.66 -10.50
CA GLY B 346 -7.11 19.52 -9.61
C GLY B 346 -7.45 20.88 -10.20
N ARG B 347 -7.60 21.85 -9.31
CA ARG B 347 -8.03 23.20 -9.65
C ARG B 347 -6.83 23.91 -10.21
N GLN B 348 -7.08 25.01 -10.94
CA GLN B 348 -6.04 25.84 -11.44
C GLN B 348 -5.11 26.39 -10.34
N ASP B 349 -5.64 26.69 -9.17
CA ASP B 349 -4.75 27.21 -8.11
C ASP B 349 -3.84 26.06 -7.58
N GLN B 350 -4.24 24.82 -7.78
CA GLN B 350 -3.40 23.68 -7.37
C GLN B 350 -2.35 23.41 -8.45
N ILE B 351 -2.73 23.47 -9.71
CA ILE B 351 -1.78 23.43 -10.81
C ILE B 351 -0.78 24.55 -10.56
N GLN B 352 -1.24 25.74 -10.17
CA GLN B 352 -0.31 26.85 -9.97
C GLN B 352 0.74 26.48 -8.95
N GLN B 353 0.35 25.75 -7.92
CA GLN B 353 1.31 25.42 -6.88
C GLN B 353 2.32 24.42 -7.37
N VAL B 354 1.92 23.53 -8.28
CA VAL B 354 2.86 22.59 -8.91
C VAL B 354 3.90 23.38 -9.71
N VAL B 355 3.43 24.37 -10.45
CA VAL B 355 4.31 25.32 -11.14
C VAL B 355 5.27 26.04 -10.18
N ASN B 356 4.73 26.67 -9.12
CA ASN B 356 5.55 27.50 -8.20
C ASN B 356 6.59 26.65 -7.51
N HIS B 357 6.29 25.37 -7.26
CA HIS B 357 7.27 24.50 -6.65
C HIS B 357 8.33 24.00 -7.61
N GLY B 358 8.31 24.46 -8.86
CA GLY B 358 9.38 24.08 -9.81
C GLY B 358 9.21 22.66 -10.32
N LEU B 359 7.98 22.12 -10.26
CA LEU B 359 7.74 20.72 -10.58
C LEU B 359 7.50 20.39 -12.04
N VAL B 360 7.19 21.40 -12.86
CA VAL B 360 6.97 21.13 -14.29
C VAL B 360 8.31 20.67 -14.95
N PRO B 361 9.45 21.34 -14.60
CA PRO B 361 10.64 20.77 -15.24
C PRO B 361 10.89 19.28 -14.84
N PHE B 362 10.51 18.89 -13.65
CA PHE B 362 10.61 17.51 -13.17
C PHE B 362 9.69 16.56 -13.91
N LEU B 363 8.45 17.01 -14.24
CA LEU B 363 7.58 16.24 -15.14
C LEU B 363 8.20 16.10 -16.53
N VAL B 364 8.75 17.18 -17.06
CA VAL B 364 9.43 17.07 -18.32
C VAL B 364 10.58 16.02 -18.26
N GLY B 365 11.31 16.00 -17.15
CA GLY B 365 12.38 15.04 -16.96
C GLY B 365 11.86 13.59 -17.02
N VAL B 366 10.82 13.27 -16.25
CA VAL B 366 10.32 11.89 -16.24
CA VAL B 366 10.29 11.90 -16.22
C VAL B 366 9.69 11.49 -17.56
N LEU B 367 9.02 12.43 -18.22
CA LEU B 367 8.56 12.16 -19.58
C LEU B 367 9.73 11.88 -20.54
N SER B 368 10.85 12.59 -20.34
CA SER B 368 11.98 12.41 -21.25
C SER B 368 12.66 11.08 -21.03
N LYS B 369 12.75 10.67 -19.77
CA LYS B 369 13.55 9.53 -19.42
C LYS B 369 13.14 8.93 -18.11
N ALA B 370 12.63 7.72 -18.19
CA ALA B 370 12.14 7.03 -16.99
C ALA B 370 11.74 5.64 -17.42
N ASP B 371 11.49 4.78 -16.47
CA ASP B 371 10.89 3.53 -16.81
C ASP B 371 9.56 3.85 -17.54
N PHE B 372 9.21 3.00 -18.51
CA PHE B 372 8.02 3.25 -19.32
C PHE B 372 6.72 3.50 -18.51
N LYS B 373 6.54 2.78 -17.42
CA LYS B 373 5.34 2.94 -16.59
C LYS B 373 5.27 4.30 -15.88
N THR B 374 6.44 4.82 -15.56
CA THR B 374 6.54 6.14 -14.94
C THR B 374 6.20 7.14 -16.05
N GLN B 375 6.72 6.92 -17.25
CA GLN B 375 6.46 7.81 -18.34
C GLN B 375 4.94 7.88 -18.65
N LYS B 376 4.25 6.76 -18.51
CA LYS B 376 2.81 6.71 -18.80
C LYS B 376 2.11 7.53 -17.72
N GLU B 377 2.56 7.42 -16.48
CA GLU B 377 2.00 8.31 -15.49
C GLU B 377 2.30 9.78 -15.78
N ALA B 378 3.48 10.10 -16.30
CA ALA B 378 3.82 11.50 -16.63
C ALA B 378 2.90 11.98 -17.76
N ALA B 379 2.60 11.09 -18.70
CA ALA B 379 1.75 11.50 -19.83
C ALA B 379 0.37 11.88 -19.31
N TRP B 380 -0.16 11.06 -18.40
CA TRP B 380 -1.40 11.36 -17.67
C TRP B 380 -1.31 12.69 -16.92
N ALA B 381 -0.27 12.87 -16.11
CA ALA B 381 -0.08 14.14 -15.40
C ALA B 381 -0.13 15.33 -16.34
N ILE B 382 0.48 15.18 -17.53
CA ILE B 382 0.46 16.27 -18.53
C ILE B 382 -0.95 16.48 -19.16
N THR B 383 -1.61 15.40 -19.55
CA THR B 383 -2.96 15.55 -20.10
C THR B 383 -3.91 16.15 -19.06
N ASN B 384 -3.75 15.76 -17.78
CA ASN B 384 -4.58 16.37 -16.75
C ASN B 384 -4.28 17.87 -16.60
N TYR B 385 -2.99 18.25 -16.57
CA TYR B 385 -2.58 19.63 -16.44
C TYR B 385 -3.17 20.43 -17.61
N THR B 386 -3.06 19.89 -18.82
CA THR B 386 -3.59 20.59 -19.98
C THR B 386 -5.11 20.69 -20.08
N SER B 387 -5.90 19.76 -19.55
CA SER B 387 -7.35 19.96 -19.64
C SER B 387 -7.85 20.91 -18.55
N GLY B 388 -7.19 20.93 -17.41
CA GLY B 388 -7.55 21.84 -16.33
C GLY B 388 -6.86 23.20 -16.25
N GLY B 389 -5.69 23.40 -16.89
CA GLY B 389 -4.91 24.59 -16.60
C GLY B 389 -5.38 25.82 -17.36
N THR B 390 -4.92 27.00 -16.96
CA THR B 390 -5.15 28.23 -17.69
C THR B 390 -4.30 28.24 -18.93
N VAL B 391 -4.61 29.15 -19.85
CA VAL B 391 -3.77 29.32 -21.02
C VAL B 391 -2.32 29.58 -20.63
N GLU B 392 -2.11 30.47 -19.67
CA GLU B 392 -0.76 30.82 -19.25
C GLU B 392 -0.01 29.61 -18.61
N GLN B 393 -0.72 28.77 -17.86
CA GLN B 393 -0.12 27.56 -17.31
C GLN B 393 0.26 26.61 -18.44
N ILE B 394 -0.57 26.57 -19.48
CA ILE B 394 -0.29 25.68 -20.62
C ILE B 394 0.90 26.17 -21.45
N VAL B 395 0.97 27.48 -21.66
CA VAL B 395 2.08 28.13 -22.36
C VAL B 395 3.40 27.84 -21.62
N TYR B 396 3.34 27.93 -20.30
CA TYR B 396 4.48 27.62 -19.44
C TYR B 396 5.00 26.20 -19.65
N LEU B 397 4.08 25.26 -19.75
CA LEU B 397 4.41 23.88 -19.98
C LEU B 397 5.23 23.70 -21.25
N VAL B 398 4.78 24.32 -22.33
CA VAL B 398 5.52 24.30 -23.57
C VAL B 398 6.89 24.96 -23.45
N HIS B 399 6.97 26.12 -22.82
CA HIS B 399 8.28 26.75 -22.57
C HIS B 399 9.28 25.92 -21.70
N CYS B 400 8.78 25.03 -20.84
CA CYS B 400 9.67 24.13 -20.11
C CYS B 400 10.15 22.97 -20.96
N GLY B 401 9.60 22.86 -22.18
CA GLY B 401 10.03 21.88 -23.15
C GLY B 401 9.20 20.60 -23.16
N ILE B 402 7.91 20.68 -22.91
CA ILE B 402 7.12 19.46 -22.92
C ILE B 402 6.96 18.79 -24.31
N ILE B 403 7.09 19.54 -25.38
CA ILE B 403 6.61 19.05 -26.68
C ILE B 403 7.46 17.90 -27.20
N GLU B 404 8.78 18.09 -27.21
CA GLU B 404 9.63 17.07 -27.75
C GLU B 404 9.53 15.72 -27.02
N PRO B 405 9.55 15.69 -25.67
CA PRO B 405 9.43 14.33 -25.16
C PRO B 405 8.01 13.75 -25.29
N LEU B 406 6.99 14.62 -25.38
CA LEU B 406 5.59 14.16 -25.63
C LEU B 406 5.58 13.41 -26.95
N MET B 407 6.22 14.00 -27.96
CA MET B 407 6.22 13.44 -29.29
C MET B 407 7.04 12.17 -29.36
N ASN B 408 8.19 12.16 -28.68
CA ASN B 408 9.03 10.97 -28.69
C ASN B 408 8.25 9.77 -28.19
N LEU B 409 7.34 10.02 -27.26
CA LEU B 409 6.58 8.94 -26.65
C LEU B 409 5.41 8.48 -27.55
N LEU B 410 5.25 9.14 -28.68
CA LEU B 410 4.23 8.74 -29.63
C LEU B 410 4.66 7.48 -30.37
N SER B 411 5.88 7.01 -30.14
CA SER B 411 6.40 5.84 -30.86
C SER B 411 6.19 4.58 -30.03
N ALA B 412 5.58 4.72 -28.87
CA ALA B 412 5.35 3.60 -27.99
C ALA B 412 4.25 2.69 -28.53
N LYS B 413 4.33 1.40 -28.20
CA LYS B 413 3.28 0.44 -28.57
C LYS B 413 2.40 0.31 -27.37
N ASP B 414 1.65 1.35 -27.08
CA ASP B 414 0.69 1.27 -25.98
C ASP B 414 -0.38 2.25 -26.40
N THR B 415 -1.58 1.74 -26.65
CA THR B 415 -2.61 2.55 -27.28
C THR B 415 -3.11 3.62 -26.33
N LYS B 416 -3.19 3.26 -25.05
CA LYS B 416 -3.61 4.16 -24.01
C LYS B 416 -2.68 5.41 -23.99
N ILE B 417 -1.38 5.22 -23.80
CA ILE B 417 -0.52 6.39 -23.73
C ILE B 417 -0.61 7.24 -25.00
N ILE B 418 -0.81 6.60 -26.15
CA ILE B 418 -0.97 7.36 -27.39
C ILE B 418 -2.23 8.22 -27.35
N GLN B 419 -3.33 7.62 -26.92
CA GLN B 419 -4.57 8.36 -26.69
C GLN B 419 -4.32 9.55 -25.76
N VAL B 420 -3.73 9.26 -24.59
CA VAL B 420 -3.43 10.28 -23.58
C VAL B 420 -2.62 11.44 -24.18
N ILE B 421 -1.58 11.12 -24.95
CA ILE B 421 -0.75 12.17 -25.55
C ILE B 421 -1.42 13.02 -26.64
N LEU B 422 -2.25 12.39 -27.47
CA LEU B 422 -2.99 13.18 -28.45
C LEU B 422 -4.02 14.10 -27.78
N ASP B 423 -4.72 13.59 -26.75
CA ASP B 423 -5.55 14.48 -25.96
C ASP B 423 -4.75 15.70 -25.53
N ALA B 424 -3.57 15.46 -24.94
CA ALA B 424 -2.73 16.57 -24.47
C ALA B 424 -2.37 17.54 -25.58
N ILE B 425 -1.96 17.02 -26.73
CA ILE B 425 -1.57 17.90 -27.83
C ILE B 425 -2.76 18.74 -28.27
N SER B 426 -3.93 18.12 -28.24
CA SER B 426 -5.13 18.80 -28.70
C SER B 426 -5.42 19.96 -27.73
N ASN B 427 -5.38 19.64 -26.44
CA ASN B 427 -5.43 20.67 -25.38
C ASN B 427 -4.45 21.81 -25.55
N ILE B 428 -3.22 21.49 -25.94
CA ILE B 428 -2.22 22.51 -26.05
C ILE B 428 -2.54 23.35 -27.29
N PHE B 429 -3.01 22.70 -28.35
CA PHE B 429 -3.40 23.43 -29.56
C PHE B 429 -4.57 24.36 -29.26
N GLN B 430 -5.49 23.91 -28.40
CA GLN B 430 -6.60 24.76 -27.98
C GLN B 430 -6.13 26.03 -27.28
N ALA B 431 -5.19 25.90 -26.35
CA ALA B 431 -4.56 27.08 -25.74
C ALA B 431 -3.93 28.02 -26.78
N ALA B 432 -3.19 27.45 -27.74
CA ALA B 432 -2.48 28.27 -28.71
C ALA B 432 -3.45 29.06 -29.59
N GLU B 433 -4.61 28.47 -29.85
CA GLU B 433 -5.65 29.16 -30.60
C GLU B 433 -6.03 30.50 -29.96
N LYS B 434 -6.35 30.46 -28.66
CA LYS B 434 -6.71 31.65 -27.90
C LYS B 434 -5.62 32.72 -27.94
N LEU B 435 -4.42 32.30 -28.29
CA LEU B 435 -3.33 33.24 -28.39
C LEU B 435 -3.02 33.55 -29.85
N GLY B 436 -3.75 32.92 -30.76
CA GLY B 436 -3.42 32.99 -32.19
C GLY B 436 -2.03 32.47 -32.52
N GLU B 437 -1.54 31.48 -31.76
CA GLU B 437 -0.18 30.92 -31.96
C GLU B 437 -0.14 29.46 -32.43
N THR B 438 -1.22 28.96 -33.02
CA THR B 438 -1.21 27.56 -33.48
C THR B 438 -0.05 27.22 -34.43
N GLU B 439 0.33 28.15 -35.31
CA GLU B 439 1.40 27.91 -36.29
C GLU B 439 2.77 27.74 -35.63
N LYS B 440 3.09 28.59 -34.65
CA LYS B 440 4.33 28.43 -33.88
C LYS B 440 4.43 27.03 -33.29
N LEU B 441 3.31 26.48 -32.86
CA LEU B 441 3.33 25.17 -32.23
C LEU B 441 3.44 24.07 -33.27
N SER B 442 2.78 24.26 -34.41
CA SER B 442 2.80 23.25 -35.47
C SER B 442 4.24 23.03 -35.90
N ILE B 443 4.96 24.12 -36.08
CA ILE B 443 6.34 24.06 -36.47
C ILE B 443 7.16 23.32 -35.42
N MET B 444 7.02 23.71 -34.15
CA MET B 444 7.75 23.03 -33.08
C MET B 444 7.53 21.53 -33.16
N ILE B 445 6.26 21.15 -33.37
CA ILE B 445 5.95 19.74 -33.54
C ILE B 445 6.61 19.16 -34.80
N GLU B 446 6.59 19.92 -35.90
CA GLU B 446 7.32 19.55 -37.12
C GLU B 446 8.81 19.28 -36.85
N GLU B 447 9.48 20.26 -36.25
CA GLU B 447 10.92 20.24 -36.17
C GLU B 447 11.49 19.12 -35.32
N CYS B 448 10.75 18.66 -34.34
CA CYS B 448 11.26 17.57 -33.52
C CYS B 448 10.77 16.23 -34.05
N GLY B 449 10.12 16.25 -35.22
CA GLY B 449 9.62 15.02 -35.85
C GLY B 449 8.27 14.52 -35.36
N GLY B 450 7.49 15.41 -34.74
CA GLY B 450 6.19 15.00 -34.21
C GLY B 450 5.16 14.76 -35.31
N LEU B 451 5.22 15.60 -36.34
CA LEU B 451 4.31 15.49 -37.49
C LEU B 451 4.36 14.12 -38.12
N ASP B 452 5.56 13.68 -38.51
CA ASP B 452 5.77 12.29 -38.94
C ASP B 452 4.98 11.30 -38.08
N LYS B 453 5.11 11.42 -36.76
CA LYS B 453 4.47 10.47 -35.87
C LYS B 453 2.95 10.56 -35.91
N ILE B 454 2.42 11.77 -35.96
CA ILE B 454 0.98 11.95 -35.99
C ILE B 454 0.41 11.42 -37.30
N GLU B 455 1.04 11.77 -38.43
CA GLU B 455 0.67 11.23 -39.76
C GLU B 455 0.55 9.70 -39.71
N ALA B 456 1.66 9.03 -39.41
CA ALA B 456 1.64 7.57 -39.25
C ALA B 456 0.40 7.12 -38.52
N LEU B 457 0.09 7.79 -37.40
CA LEU B 457 -1.02 7.40 -36.55
C LEU B 457 -2.39 7.43 -37.24
N GLN B 458 -2.56 8.25 -38.27
CA GLN B 458 -3.77 8.16 -39.08
C GLN B 458 -3.99 6.71 -39.52
N ARG B 459 -2.91 6.02 -39.89
CA ARG B 459 -2.96 4.62 -40.31
C ARG B 459 -2.93 3.63 -39.13
N HIS B 460 -3.43 4.02 -37.97
CA HIS B 460 -3.38 3.19 -36.75
C HIS B 460 -4.67 2.39 -36.54
N GLU B 461 -4.54 1.20 -35.94
CA GLU B 461 -5.68 0.35 -35.58
C GLU B 461 -6.82 1.15 -34.97
N ASN B 462 -6.59 1.56 -33.73
CA ASN B 462 -7.60 2.17 -32.87
C ASN B 462 -8.33 3.41 -33.44
N GLU B 463 -9.57 3.59 -33.00
CA GLU B 463 -10.50 4.58 -33.56
C GLU B 463 -10.22 6.00 -33.07
N SER B 464 -10.11 6.16 -31.76
CA SER B 464 -9.75 7.46 -31.19
C SER B 464 -8.44 7.84 -31.84
N VAL B 465 -7.52 6.88 -31.88
CA VAL B 465 -6.16 7.16 -32.29
C VAL B 465 -6.09 7.70 -33.69
N TYR B 466 -6.50 6.94 -34.69
CA TYR B 466 -6.48 7.47 -36.06
C TYR B 466 -7.46 8.62 -36.25
N LYS B 467 -8.54 8.61 -35.47
CA LYS B 467 -9.47 9.74 -35.44
C LYS B 467 -8.83 11.02 -34.89
N ALA B 468 -8.17 10.89 -33.73
CA ALA B 468 -7.48 12.03 -33.10
C ALA B 468 -6.44 12.63 -34.01
N SER B 469 -5.69 11.78 -34.71
CA SER B 469 -4.62 12.23 -35.61
C SER B 469 -5.08 13.02 -36.82
N LEU B 470 -6.04 12.45 -37.57
CA LEU B 470 -6.55 13.12 -38.78
C LEU B 470 -7.05 14.51 -38.41
N ASN B 471 -7.73 14.62 -37.28
CA ASN B 471 -8.22 15.91 -36.81
C ASN B 471 -7.12 16.99 -36.64
N LEU B 472 -6.07 16.66 -35.87
CA LEU B 472 -4.92 17.56 -35.74
C LEU B 472 -4.26 17.77 -37.09
N ILE B 473 -4.07 16.68 -37.83
CA ILE B 473 -3.50 16.81 -39.17
C ILE B 473 -4.31 17.79 -40.02
N GLU B 474 -5.62 17.58 -40.06
CA GLU B 474 -6.43 18.45 -40.92
C GLU B 474 -6.74 19.79 -40.28
N LYS B 475 -6.58 19.88 -38.95
CA LYS B 475 -6.86 21.16 -38.29
C LYS B 475 -5.66 22.13 -38.28
N TYR B 476 -4.45 21.62 -38.08
CA TYR B 476 -3.29 22.50 -37.92
C TYR B 476 -2.12 22.13 -38.80
N PHE B 477 -2.18 20.95 -39.41
CA PHE B 477 -1.11 20.49 -40.28
C PHE B 477 -1.59 20.23 -41.72
#